data_6PKZ
#
_entry.id   6PKZ
#
_cell.length_a   54.609
_cell.length_b   78.555
_cell.length_c   54.776
_cell.angle_alpha   90.00
_cell.angle_beta   106.83
_cell.angle_gamma   90.00
#
_symmetry.space_group_name_H-M   'P 1 21 1'
#
loop_
_entity.id
_entity.type
_entity.pdbx_description
1 polymer 'DNA polymerase beta'
2 polymer "DNA (5'-D(*CP*CP*GP*AP*CP*(A38) P*TP*CP*GP*CP*AP*TP*CP*AP*GP*C)-3')"
3 polymer "DNA (5'-D(*GP*CP*TP*GP*AP*TP*GP*CP*GP*A)-3')"
4 polymer "DNA (5'-D(P*GP*TP*CP*GP*G)-3')"
5 non-polymer 'SODIUM ION'
6 non-polymer 'MAGNESIUM ION'
7 non-polymer "2'-deoxy-5'-O-[(R)-hydroxy{[(R)-hydroxy(phosphonooxy)phosphoryl]amino}phosphoryl]guanosine"
8 water water
#
loop_
_entity_poly.entity_id
_entity_poly.type
_entity_poly.pdbx_seq_one_letter_code
_entity_poly.pdbx_strand_id
1 'polypeptide(L)'
;MSKRKAPQETLNGGITDMLTELANFEKNVSQAIHKYNAYRKAASVIAKYPHKIKSGAEAKKLPGVGTKIAEKIDEFLATG
KLRKLEKIRQDDTSSSINFLTRVSGIGPSAARKFVDEGIKTLEDLRKNEDKLNHHQRIGLKYFGDFEKRIPREEMLQMQD
IVLNEVKKVDSEYIATVCGSFRRGAESSGDMDVLLTHPSFTSESTKQPKLLHQVVEQLQKVHFITDTLSKGETKFMGVCQ
LPSKNDEKEYPHRRIDIRLIPKDQYYCGVLYFTGSDIFAKNMRAHALEKGFTINEYTIRPLGVTGVAGEPLPVDSEKDIF
DYIQWKYREPKDRSE
;
A
2 'polydeoxyribonucleotide' (DC)(DC)(DG)(DA)(DC)(A38)(DT)(DC)(DG)(DC)(DA)(DT)(DC)(DA)(DG)(DC) T
3 'polydeoxyribonucleotide' (DG)(DC)(DT)(DG)(DA)(DT)(DG)(DC)(DG)(DA) P
4 'polydeoxyribonucleotide' (DG)(DT)(DC)(DG)(DG) D
#
loop_
_chem_comp.id
_chem_comp.type
_chem_comp.name
_chem_comp.formula
A38 DNA linking '8-OXY DEOXYADENOSINE-5'-MONOPHOSPHATE' 'C10 H14 N5 O7 P'
DA DNA linking 2'-DEOXYADENOSINE-5'-MONOPHOSPHATE 'C10 H14 N5 O6 P'
DC DNA linking 2'-DEOXYCYTIDINE-5'-MONOPHOSPHATE 'C9 H14 N3 O7 P'
DG DNA linking 2'-DEOXYGUANOSINE-5'-MONOPHOSPHATE 'C10 H14 N5 O7 P'
DT DNA linking THYMIDINE-5'-MONOPHOSPHATE 'C10 H15 N2 O8 P'
MG non-polymer 'MAGNESIUM ION' 'Mg 2'
NA non-polymer 'SODIUM ION' 'Na 1'
XG4 non-polymer 2'-deoxy-5'-O-[(R)-hydroxy{[(R)-hydroxy(phosphonooxy)phosphoryl]amino}phosphoryl]guanosine 'C10 H17 N6 O12 P3'
#
# COMPACT_ATOMS: atom_id res chain seq x y z
N PRO A 7 1.43 11.49 18.17
CA PRO A 7 0.58 11.34 19.35
C PRO A 7 0.22 9.87 19.63
N GLN A 8 0.27 9.46 20.89
CA GLN A 8 0.13 8.05 21.24
C GLN A 8 -1.27 7.54 20.90
N GLU A 9 -1.43 6.22 20.95
CA GLU A 9 -2.72 5.62 20.68
C GLU A 9 -3.74 6.01 21.77
N THR A 10 -3.43 5.72 23.04
CA THR A 10 -4.36 5.90 24.16
C THR A 10 -4.93 7.31 24.26
N LEU A 11 -4.39 8.24 23.46
CA LEU A 11 -4.93 9.58 23.33
C LEU A 11 -6.32 9.53 22.74
N ASN A 12 -6.45 9.19 21.45
CA ASN A 12 -7.76 9.06 20.82
C ASN A 12 -7.96 7.70 20.15
N GLY A 13 -7.19 6.69 20.58
CA GLY A 13 -7.26 5.39 19.95
C GLY A 13 -8.64 4.80 19.96
N GLY A 14 -9.42 5.06 21.01
CA GLY A 14 -10.79 4.62 20.99
C GLY A 14 -11.52 5.12 19.77
N ILE A 15 -11.34 6.40 19.43
CA ILE A 15 -12.08 6.98 18.33
C ILE A 15 -11.54 6.50 17.00
N THR A 16 -10.22 6.48 16.83
CA THR A 16 -9.69 6.06 15.53
C THR A 16 -10.01 4.59 15.22
N ASP A 17 -10.04 3.72 16.24
CA ASP A 17 -10.48 2.35 16.04
C ASP A 17 -11.94 2.28 15.65
N MET A 18 -12.78 3.11 16.28
CA MET A 18 -14.15 3.22 15.83
C MET A 18 -14.18 3.62 14.37
N LEU A 19 -13.38 4.62 14.03
CA LEU A 19 -13.45 5.19 12.70
C LEU A 19 -12.94 4.22 11.65
N THR A 20 -11.83 3.54 11.91
CA THR A 20 -11.33 2.54 10.97
C THR A 20 -12.33 1.38 10.81
N GLU A 21 -12.93 0.97 11.90
CA GLU A 21 -13.96 -0.07 11.79
C GLU A 21 -15.10 0.39 10.92
N LEU A 22 -15.57 1.62 11.12
CA LEU A 22 -16.62 2.13 10.26
C LEU A 22 -16.16 2.25 8.81
N ALA A 23 -14.88 2.58 8.62
CA ALA A 23 -14.31 2.65 7.28
C ALA A 23 -14.39 1.31 6.58
N ASN A 24 -14.03 0.22 7.27
CA ASN A 24 -13.97 -1.08 6.61
C ASN A 24 -15.36 -1.58 6.23
N PHE A 25 -16.34 -1.39 7.11
CA PHE A 25 -17.71 -1.76 6.78
C PHE A 25 -18.25 -0.96 5.59
N GLU A 26 -17.90 0.32 5.48
CA GLU A 26 -18.28 1.05 4.27
C GLU A 26 -17.67 0.38 3.04
N LYS A 27 -16.36 0.13 3.04
CA LYS A 27 -15.71 -0.43 1.86
C LYS A 27 -16.26 -1.81 1.56
N ASN A 28 -16.25 -2.68 2.56
CA ASN A 28 -16.42 -4.10 2.30
C ASN A 28 -17.88 -4.54 2.23
N VAL A 29 -18.78 -3.89 2.96
CA VAL A 29 -20.18 -4.27 3.04
C VAL A 29 -21.08 -3.35 2.24
N SER A 30 -21.00 -2.04 2.47
CA SER A 30 -21.83 -1.08 1.78
C SER A 30 -21.29 -0.67 0.43
N GLN A 31 -20.03 -1.02 0.13
CA GLN A 31 -19.36 -0.69 -1.14
C GLN A 31 -19.43 0.82 -1.42
N ALA A 32 -19.17 1.60 -0.38
CA ALA A 32 -19.15 3.07 -0.44
C ALA A 32 -17.71 3.51 -0.25
N ILE A 33 -16.92 3.39 -1.30
CA ILE A 33 -15.48 3.60 -1.20
C ILE A 33 -15.18 5.00 -0.74
N HIS A 34 -16.04 5.96 -1.11
CA HIS A 34 -15.77 7.33 -0.73
C HIS A 34 -16.03 7.56 0.74
N LYS A 35 -17.02 6.89 1.30
CA LYS A 35 -17.21 6.96 2.74
C LYS A 35 -16.08 6.23 3.45
N TYR A 36 -15.53 5.18 2.83
CA TYR A 36 -14.36 4.52 3.39
C TYR A 36 -13.19 5.49 3.47
N ASN A 37 -12.93 6.24 2.40
CA ASN A 37 -11.86 7.21 2.45
C ASN A 37 -12.15 8.34 3.43
N ALA A 38 -13.41 8.76 3.51
CA ALA A 38 -13.82 9.76 4.48
C ALA A 38 -13.44 9.33 5.89
N TYR A 39 -13.95 8.16 6.31
CA TYR A 39 -13.66 7.65 7.65
C TYR A 39 -12.15 7.53 7.92
N ARG A 40 -11.36 7.27 6.89
CA ARG A 40 -9.92 7.19 7.09
C ARG A 40 -9.30 8.58 7.18
N LYS A 41 -9.77 9.51 6.36
CA LYS A 41 -9.25 10.87 6.48
C LYS A 41 -9.47 11.41 7.88
N ALA A 42 -10.63 11.12 8.47
CA ALA A 42 -10.90 11.59 9.83
C ALA A 42 -10.07 10.82 10.85
N ALA A 43 -10.07 9.48 10.74
CA ALA A 43 -9.20 8.67 11.58
C ALA A 43 -7.76 9.15 11.54
N SER A 44 -7.29 9.56 10.37
CA SER A 44 -5.89 9.95 10.28
C SER A 44 -5.66 11.32 10.88
N VAL A 45 -6.54 12.29 10.57
CA VAL A 45 -6.35 13.62 11.14
C VAL A 45 -6.53 13.54 12.65
N ILE A 46 -7.34 12.61 13.13
CA ILE A 46 -7.56 12.52 14.56
C ILE A 46 -6.39 11.81 15.24
N ALA A 47 -5.81 10.81 14.58
CA ALA A 47 -4.65 10.13 15.15
C ALA A 47 -3.47 11.08 15.37
N LYS A 48 -3.41 12.20 14.65
CA LYS A 48 -2.32 13.16 14.76
C LYS A 48 -2.66 14.31 15.69
N TYR A 49 -3.86 14.32 16.24
CA TYR A 49 -4.32 15.44 17.05
C TYR A 49 -3.86 15.26 18.49
N PRO A 50 -2.91 16.08 18.95
CA PRO A 50 -2.18 15.80 20.19
C PRO A 50 -2.90 16.21 21.47
N HIS A 51 -4.18 15.87 21.56
CA HIS A 51 -5.00 16.18 22.72
C HIS A 51 -6.13 15.16 22.84
N LYS A 52 -6.40 14.70 24.05
CA LYS A 52 -7.51 13.80 24.27
C LYS A 52 -8.82 14.54 23.99
N ILE A 53 -9.53 14.12 22.94
CA ILE A 53 -10.75 14.80 22.53
C ILE A 53 -11.83 14.64 23.60
N LYS A 54 -12.38 15.78 24.04
CA LYS A 54 -13.41 15.80 25.07
C LYS A 54 -14.83 15.85 24.53
N SER A 55 -15.02 16.24 23.26
CA SER A 55 -16.35 16.39 22.68
C SER A 55 -16.26 16.24 21.17
N GLY A 56 -17.38 15.82 20.58
CA GLY A 56 -17.44 15.73 19.13
C GLY A 56 -17.26 17.09 18.49
N ALA A 57 -17.76 18.12 19.14
CA ALA A 57 -17.60 19.46 18.61
C ALA A 57 -16.14 19.85 18.55
N GLU A 58 -15.36 19.45 19.56
CA GLU A 58 -13.93 19.72 19.49
C GLU A 58 -13.31 19.05 18.27
N ALA A 59 -13.78 17.84 17.94
CA ALA A 59 -13.22 17.14 16.79
C ALA A 59 -13.62 17.81 15.48
N LYS A 60 -14.85 18.33 15.41
CA LYS A 60 -15.34 18.88 14.15
C LYS A 60 -14.44 19.99 13.62
N LYS A 61 -13.64 20.61 14.48
CA LYS A 61 -12.72 21.65 14.01
C LYS A 61 -11.66 21.09 13.08
N LEU A 62 -11.45 19.79 13.11
CA LEU A 62 -10.38 19.28 12.26
C LEU A 62 -10.89 19.03 10.85
N PRO A 63 -10.03 19.25 9.87
CA PRO A 63 -10.44 19.12 8.45
C PRO A 63 -10.73 17.66 8.13
N GLY A 64 -11.94 17.40 7.68
CA GLY A 64 -12.35 16.06 7.39
C GLY A 64 -13.26 15.45 8.43
N VAL A 65 -13.29 16.00 9.63
CA VAL A 65 -14.30 15.62 10.60
C VAL A 65 -15.46 16.59 10.43
N GLY A 66 -16.63 16.05 10.09
CA GLY A 66 -17.80 16.86 9.83
C GLY A 66 -18.93 16.52 10.76
N THR A 67 -20.17 16.83 10.36
CA THR A 67 -21.26 16.82 11.33
C THR A 67 -21.56 15.42 11.84
N LYS A 68 -21.53 14.42 10.96
CA LYS A 68 -22.03 13.12 11.38
C LYS A 68 -21.01 12.36 12.21
N ILE A 69 -19.72 12.51 11.92
CA ILE A 69 -18.71 11.87 12.74
C ILE A 69 -18.68 12.50 14.14
N ALA A 70 -18.71 13.83 14.18
CA ALA A 70 -18.80 14.56 15.44
C ALA A 70 -19.91 14.01 16.34
N GLU A 71 -21.05 13.62 15.76
CA GLU A 71 -22.10 13.01 16.56
C GLU A 71 -21.72 11.63 17.06
N LYS A 72 -20.95 10.89 16.26
CA LYS A 72 -20.49 9.59 16.72
C LYS A 72 -19.49 9.74 17.85
N ILE A 73 -18.68 10.79 17.83
CA ILE A 73 -17.73 10.96 18.91
C ILE A 73 -18.45 11.31 20.21
N ASP A 74 -19.53 12.10 20.13
CA ASP A 74 -20.39 12.30 21.30
C ASP A 74 -20.90 10.99 21.86
N GLU A 75 -21.55 10.17 21.01
CA GLU A 75 -22.10 8.89 21.50
C GLU A 75 -21.01 8.03 22.13
N PHE A 76 -19.86 7.93 21.49
CA PHE A 76 -18.77 7.14 22.03
C PHE A 76 -18.29 7.69 23.36
N LEU A 77 -18.18 9.02 23.47
CA LEU A 77 -17.67 9.61 24.71
C LEU A 77 -18.66 9.45 25.85
N ALA A 78 -19.95 9.49 25.56
CA ALA A 78 -20.93 9.29 26.61
C ALA A 78 -21.01 7.82 27.01
N THR A 79 -21.11 6.93 26.03
CA THR A 79 -21.43 5.55 26.32
C THR A 79 -20.27 4.57 26.21
N GLY A 80 -19.18 4.95 25.56
CA GLY A 80 -18.11 4.00 25.29
C GLY A 80 -18.37 3.10 24.10
N LYS A 81 -19.47 3.27 23.40
CA LYS A 81 -19.72 2.42 22.26
C LYS A 81 -20.52 3.20 21.22
N LEU A 82 -20.74 2.55 20.07
CA LEU A 82 -21.60 3.03 19.00
C LEU A 82 -22.65 1.96 18.73
N ARG A 83 -23.93 2.29 18.94
CA ARG A 83 -25.00 1.32 18.72
C ARG A 83 -24.97 0.71 17.32
N LYS A 84 -24.76 1.54 16.29
CA LYS A 84 -24.77 1.05 14.91
C LYS A 84 -23.64 0.05 14.69
N LEU A 85 -22.49 0.30 15.30
CA LEU A 85 -21.32 -0.56 15.14
C LEU A 85 -21.49 -1.86 15.90
N GLU A 86 -22.03 -1.78 17.11
CA GLU A 86 -22.32 -2.99 17.88
C GLU A 86 -23.25 -3.92 17.10
N LYS A 87 -24.38 -3.37 16.64
CA LYS A 87 -25.33 -4.18 15.91
C LYS A 87 -24.69 -4.80 14.67
N ILE A 88 -23.92 -4.01 13.92
CA ILE A 88 -23.30 -4.54 12.72
C ILE A 88 -22.23 -5.57 13.09
N ARG A 89 -21.48 -5.34 14.18
CA ARG A 89 -20.48 -6.32 14.59
C ARG A 89 -21.09 -7.67 14.92
N GLN A 90 -22.35 -7.68 15.33
CA GLN A 90 -23.05 -8.91 15.66
C GLN A 90 -23.78 -9.50 14.45
N ASP A 91 -23.85 -8.79 13.34
CA ASP A 91 -24.56 -9.26 12.15
C ASP A 91 -23.76 -10.37 11.47
N ASP A 92 -24.38 -11.54 11.29
CA ASP A 92 -23.65 -12.67 10.71
C ASP A 92 -23.22 -12.35 9.28
N THR A 93 -24.15 -11.88 8.46
CA THR A 93 -23.85 -11.59 7.07
C THR A 93 -22.77 -10.53 6.94
N SER A 94 -23.03 -9.33 7.46
CA SER A 94 -22.09 -8.23 7.26
C SER A 94 -20.73 -8.54 7.85
N SER A 95 -20.69 -9.15 9.05
CA SER A 95 -19.39 -9.40 9.65
C SER A 95 -18.65 -10.50 8.92
N SER A 96 -19.35 -11.50 8.39
CA SER A 96 -18.70 -12.48 7.51
C SER A 96 -18.16 -11.82 6.23
N ILE A 97 -19.00 -11.04 5.55
CA ILE A 97 -18.56 -10.35 4.34
C ILE A 97 -17.30 -9.56 4.64
N ASN A 98 -17.34 -8.77 5.71
CA ASN A 98 -16.20 -7.93 6.08
C ASN A 98 -14.93 -8.76 6.27
N PHE A 99 -15.05 -9.93 6.92
CA PHE A 99 -13.88 -10.75 7.25
C PHE A 99 -13.20 -11.33 6.01
N LEU A 100 -13.96 -12.05 5.18
CA LEU A 100 -13.38 -12.70 4.01
C LEU A 100 -12.63 -11.75 3.10
N THR A 101 -12.86 -10.44 3.18
CA THR A 101 -12.09 -9.51 2.38
C THR A 101 -10.65 -9.42 2.86
N ARG A 102 -10.35 -9.96 4.04
CA ARG A 102 -8.97 -10.06 4.49
C ARG A 102 -8.16 -11.06 3.67
N VAL A 103 -8.81 -12.02 3.03
CA VAL A 103 -8.13 -12.81 2.00
C VAL A 103 -7.79 -11.88 0.84
N SER A 104 -6.49 -11.72 0.56
CA SER A 104 -6.06 -10.98 -0.62
C SER A 104 -6.53 -11.68 -1.90
N GLY A 105 -7.15 -10.90 -2.79
CA GLY A 105 -7.83 -11.42 -3.96
C GLY A 105 -9.34 -11.39 -3.84
N ILE A 106 -9.85 -11.44 -2.61
CA ILE A 106 -11.26 -11.24 -2.33
C ILE A 106 -11.48 -9.79 -1.94
N GLY A 107 -12.23 -9.08 -2.76
CA GLY A 107 -12.69 -7.76 -2.43
C GLY A 107 -14.13 -7.80 -1.98
N PRO A 108 -14.76 -6.63 -1.85
CA PRO A 108 -16.17 -6.58 -1.42
C PRO A 108 -17.09 -7.42 -2.29
N SER A 109 -16.84 -7.43 -3.59
CA SER A 109 -17.78 -8.04 -4.51
C SER A 109 -17.77 -9.55 -4.37
N ALA A 110 -16.58 -10.16 -4.39
CA ALA A 110 -16.47 -11.61 -4.26
C ALA A 110 -16.83 -12.08 -2.86
N ALA A 111 -16.47 -11.32 -1.83
CA ALA A 111 -16.87 -11.68 -0.48
C ALA A 111 -18.39 -11.80 -0.39
N ARG A 112 -19.11 -10.76 -0.83
CA ARG A 112 -20.56 -10.80 -0.80
C ARG A 112 -21.10 -12.02 -1.53
N LYS A 113 -20.53 -12.35 -2.68
CA LYS A 113 -21.06 -13.48 -3.43
C LYS A 113 -20.76 -14.79 -2.71
N PHE A 114 -19.61 -14.91 -2.06
CA PHE A 114 -19.36 -16.08 -1.23
C PHE A 114 -20.38 -16.18 -0.09
N VAL A 115 -20.66 -15.07 0.59
CA VAL A 115 -21.57 -15.14 1.72
C VAL A 115 -23.00 -15.37 1.25
N ASP A 116 -23.32 -14.92 0.03
CA ASP A 116 -24.65 -15.19 -0.51
C ASP A 116 -24.89 -16.69 -0.62
N GLU A 117 -23.90 -17.44 -1.10
CA GLU A 117 -24.05 -18.88 -1.17
C GLU A 117 -23.63 -19.59 0.12
N GLY A 118 -23.42 -18.84 1.21
CA GLY A 118 -23.19 -19.48 2.48
C GLY A 118 -21.77 -19.92 2.73
N ILE A 119 -20.81 -19.37 2.00
CA ILE A 119 -19.40 -19.51 2.31
C ILE A 119 -19.04 -18.33 3.21
N LYS A 120 -18.66 -18.59 4.44
CA LYS A 120 -18.47 -17.50 5.40
C LYS A 120 -17.14 -17.53 6.14
N THR A 121 -16.39 -18.63 6.11
CA THR A 121 -15.17 -18.73 6.90
C THR A 121 -14.05 -19.31 6.04
N LEU A 122 -12.83 -19.29 6.57
CA LEU A 122 -11.71 -19.87 5.84
C LEU A 122 -11.93 -21.35 5.61
N GLU A 123 -12.55 -22.02 6.58
CA GLU A 123 -12.94 -23.41 6.38
C GLU A 123 -13.85 -23.52 5.18
N ASP A 124 -14.82 -22.61 5.10
CA ASP A 124 -15.74 -22.65 3.98
C ASP A 124 -15.00 -22.41 2.67
N LEU A 125 -14.00 -21.52 2.70
CA LEU A 125 -13.19 -21.30 1.49
C LEU A 125 -12.32 -22.51 1.18
N ARG A 126 -11.84 -23.23 2.20
CA ARG A 126 -11.03 -24.42 1.94
C ARG A 126 -11.86 -25.54 1.31
N LYS A 127 -13.10 -25.74 1.79
CA LYS A 127 -13.97 -26.74 1.19
C LYS A 127 -14.28 -26.44 -0.28
N ASN A 128 -14.25 -25.16 -0.68
CA ASN A 128 -14.70 -24.77 -2.01
C ASN A 128 -13.62 -24.16 -2.89
N GLU A 129 -12.42 -24.77 -2.90
CA GLU A 129 -11.31 -24.20 -3.65
C GLU A 129 -11.64 -23.94 -5.11
N ASP A 130 -12.47 -24.78 -5.74
CA ASP A 130 -12.76 -24.60 -7.16
C ASP A 130 -13.46 -23.28 -7.46
N LYS A 131 -14.01 -22.61 -6.46
CA LYS A 131 -14.69 -21.33 -6.69
C LYS A 131 -13.75 -20.13 -6.56
N LEU A 132 -12.48 -20.38 -6.28
CA LEU A 132 -11.49 -19.32 -6.11
C LEU A 132 -10.67 -19.15 -7.38
N ASN A 133 -10.29 -17.91 -7.66
CA ASN A 133 -9.33 -17.75 -8.74
C ASN A 133 -7.93 -18.00 -8.21
N HIS A 134 -6.95 -17.92 -9.10
CA HIS A 134 -5.58 -18.18 -8.72
C HIS A 134 -5.13 -17.27 -7.59
N HIS A 135 -5.31 -15.95 -7.75
CA HIS A 135 -4.93 -15.01 -6.69
C HIS A 135 -5.54 -15.44 -5.36
N GLN A 136 -6.84 -15.73 -5.36
CA GLN A 136 -7.55 -16.02 -4.13
C GLN A 136 -6.98 -17.27 -3.44
N ARG A 137 -6.62 -18.29 -4.22
CA ARG A 137 -6.03 -19.48 -3.60
C ARG A 137 -4.70 -19.15 -2.97
N ILE A 138 -3.89 -18.31 -3.63
CA ILE A 138 -2.62 -17.96 -3.02
C ILE A 138 -2.86 -17.19 -1.72
N GLY A 139 -3.74 -16.17 -1.77
CA GLY A 139 -4.06 -15.42 -0.57
C GLY A 139 -4.71 -16.28 0.52
N LEU A 140 -5.53 -17.24 0.13
CA LEU A 140 -6.04 -18.20 1.10
C LEU A 140 -4.89 -18.99 1.70
N LYS A 141 -4.00 -19.52 0.83
CA LYS A 141 -2.89 -20.35 1.27
C LYS A 141 -2.00 -19.62 2.27
N TYR A 142 -1.90 -18.31 2.17
CA TYR A 142 -0.96 -17.53 2.96
C TYR A 142 -1.68 -16.52 3.85
N PHE A 143 -2.94 -16.83 4.21
CA PHE A 143 -3.77 -15.86 4.93
C PHE A 143 -3.03 -15.27 6.13
N GLY A 144 -2.62 -16.14 7.06
CA GLY A 144 -1.81 -15.78 8.21
C GLY A 144 -0.52 -15.07 7.86
N ASP A 145 0.33 -15.71 7.05
CA ASP A 145 1.62 -15.13 6.67
C ASP A 145 1.50 -13.70 6.18
N PHE A 146 0.45 -13.42 5.42
CA PHE A 146 0.30 -12.12 4.79
C PHE A 146 -0.04 -11.02 5.77
N GLU A 147 -0.49 -11.33 6.99
CA GLU A 147 -0.73 -10.29 7.97
C GLU A 147 0.43 -10.10 8.94
N LYS A 148 1.41 -11.00 8.93
CA LYS A 148 2.63 -10.77 9.69
C LYS A 148 3.46 -9.70 9.02
N ARG A 149 4.13 -8.89 9.82
CA ARG A 149 4.98 -7.85 9.28
C ARG A 149 6.41 -8.35 9.11
N ILE A 150 7.17 -7.61 8.32
CA ILE A 150 8.54 -7.98 7.97
C ILE A 150 9.49 -7.11 8.78
N PRO A 151 10.33 -7.69 9.63
CA PRO A 151 11.37 -6.87 10.27
C PRO A 151 12.44 -6.46 9.27
N ARG A 152 13.03 -5.29 9.51
CA ARG A 152 14.07 -4.76 8.63
C ARG A 152 15.19 -5.75 8.42
N GLU A 153 15.54 -6.53 9.44
CA GLU A 153 16.61 -7.50 9.26
C GLU A 153 16.26 -8.47 8.12
N GLU A 154 15.04 -8.97 8.12
CA GLU A 154 14.61 -9.85 7.02
C GLU A 154 14.56 -9.10 5.69
N MET A 155 14.07 -7.84 5.70
CA MET A 155 14.07 -7.04 4.48
C MET A 155 15.47 -6.89 3.91
N LEU A 156 16.45 -6.60 4.78
CA LEU A 156 17.83 -6.51 4.30
C LEU A 156 18.27 -7.80 3.66
N GLN A 157 18.06 -8.93 4.36
CA GLN A 157 18.38 -10.23 3.75
C GLN A 157 17.66 -10.38 2.43
N MET A 158 16.40 -9.93 2.37
CA MET A 158 15.67 -9.99 1.11
C MET A 158 16.29 -9.07 0.05
N GLN A 159 16.69 -7.86 0.45
CA GLN A 159 17.36 -6.97 -0.50
C GLN A 159 18.64 -7.60 -1.04
N ASP A 160 19.39 -8.30 -0.19
CA ASP A 160 20.61 -8.96 -0.63
C ASP A 160 20.33 -9.92 -1.78
N ILE A 161 19.28 -10.76 -1.64
CA ILE A 161 18.94 -11.72 -2.69
C ILE A 161 18.50 -11.00 -3.97
N VAL A 162 17.64 -9.99 -3.83
CA VAL A 162 17.06 -9.36 -5.01
C VAL A 162 18.14 -8.61 -5.78
N LEU A 163 18.92 -7.77 -5.09
CA LEU A 163 19.94 -7.01 -5.80
C LEU A 163 20.99 -7.92 -6.42
N ASN A 164 21.33 -9.01 -5.75
CA ASN A 164 22.33 -9.91 -6.28
C ASN A 164 21.81 -10.64 -7.51
N GLU A 165 20.62 -11.24 -7.44
CA GLU A 165 20.12 -11.99 -8.59
C GLU A 165 19.79 -11.08 -9.77
N VAL A 166 19.40 -9.82 -9.52
CA VAL A 166 19.15 -8.90 -10.62
C VAL A 166 20.44 -8.62 -11.37
N LYS A 167 21.50 -8.22 -10.65
CA LYS A 167 22.79 -7.92 -11.27
C LYS A 167 23.34 -9.15 -12.00
N LYS A 168 23.06 -10.33 -11.46
CA LYS A 168 23.53 -11.57 -12.05
C LYS A 168 22.86 -11.83 -13.40
N VAL A 169 21.62 -11.38 -13.58
CA VAL A 169 20.94 -11.53 -14.87
C VAL A 169 21.55 -10.59 -15.90
N ASP A 170 21.77 -9.34 -15.50
CA ASP A 170 22.30 -8.31 -16.38
C ASP A 170 22.85 -7.21 -15.48
N SER A 171 24.17 -6.99 -15.51
CA SER A 171 24.82 -5.99 -14.67
C SER A 171 24.37 -4.56 -14.97
N GLU A 172 23.57 -4.35 -16.00
CA GLU A 172 23.10 -3.03 -16.37
C GLU A 172 21.72 -2.70 -15.85
N TYR A 173 20.99 -3.68 -15.33
CA TYR A 173 19.78 -3.37 -14.57
C TYR A 173 20.12 -2.43 -13.42
N ILE A 174 19.15 -1.59 -13.07
CA ILE A 174 19.17 -0.87 -11.80
C ILE A 174 17.93 -1.31 -11.05
N ALA A 175 18.12 -1.78 -9.82
CA ALA A 175 17.01 -2.10 -8.95
C ALA A 175 17.11 -1.32 -7.65
N THR A 176 16.00 -0.71 -7.26
CA THR A 176 15.88 -0.01 -5.98
C THR A 176 14.71 -0.60 -5.20
N VAL A 177 14.97 -1.03 -3.96
CA VAL A 177 13.89 -1.41 -3.07
C VAL A 177 13.32 -0.13 -2.46
N CYS A 178 12.06 0.17 -2.82
CA CYS A 178 11.40 1.40 -2.38
C CYS A 178 10.51 1.13 -1.18
N GLY A 179 9.36 1.82 -1.12
CA GLY A 179 8.45 1.56 -0.02
C GLY A 179 9.02 2.03 1.32
N SER A 180 8.32 1.62 2.38
CA SER A 180 8.70 2.10 3.71
C SER A 180 10.15 1.74 4.03
N PHE A 181 10.57 0.52 3.65
CA PHE A 181 11.97 0.11 3.80
C PHE A 181 12.95 1.21 3.42
N ARG A 182 12.79 1.76 2.21
CA ARG A 182 13.70 2.81 1.78
C ARG A 182 13.66 4.01 2.70
N ARG A 183 12.59 4.18 3.50
CA ARG A 183 12.48 5.29 4.42
C ARG A 183 12.90 4.91 5.83
N GLY A 184 13.78 3.91 5.94
CA GLY A 184 14.34 3.50 7.22
C GLY A 184 13.39 2.74 8.11
N ALA A 185 12.14 2.56 7.70
CA ALA A 185 11.11 1.89 8.51
C ALA A 185 11.66 0.66 9.21
N GLU A 186 11.38 0.55 10.51
CA GLU A 186 11.97 -0.55 11.27
C GLU A 186 11.28 -1.87 11.00
N SER A 187 10.06 -1.85 10.48
CA SER A 187 9.43 -3.02 9.88
C SER A 187 8.62 -2.58 8.66
N SER A 188 8.36 -3.54 7.78
CA SER A 188 7.67 -3.31 6.51
C SER A 188 6.50 -4.25 6.34
N GLY A 189 5.55 -3.85 5.50
CA GLY A 189 4.41 -4.67 5.20
C GLY A 189 4.60 -5.59 4.01
N ASP A 190 5.35 -5.13 3.02
CA ASP A 190 5.74 -5.95 1.87
C ASP A 190 7.09 -5.44 1.35
N MET A 191 7.54 -5.97 0.23
CA MET A 191 8.71 -5.44 -0.43
C MET A 191 8.32 -4.89 -1.79
N ASP A 192 8.84 -3.70 -2.11
CA ASP A 192 8.52 -2.97 -3.33
C ASP A 192 9.81 -2.70 -4.10
N VAL A 193 9.96 -3.38 -5.23
CA VAL A 193 11.16 -3.27 -6.05
C VAL A 193 10.84 -2.49 -7.31
N LEU A 194 11.61 -1.46 -7.60
CA LEU A 194 11.60 -0.86 -8.92
C LEU A 194 12.80 -1.31 -9.73
N LEU A 195 12.56 -1.57 -11.00
CA LEU A 195 13.56 -2.14 -11.89
C LEU A 195 13.60 -1.29 -13.15
N THR A 196 14.78 -0.88 -13.57
CA THR A 196 14.90 -0.28 -14.89
C THR A 196 16.14 -0.84 -15.59
N HIS A 197 16.35 -0.40 -16.84
CA HIS A 197 17.40 -0.92 -17.71
C HIS A 197 17.70 0.11 -18.77
N PRO A 198 18.95 0.26 -19.21
CA PRO A 198 19.25 1.21 -20.30
C PRO A 198 18.39 1.05 -21.54
N SER A 199 18.18 -0.16 -22.01
CA SER A 199 17.48 -0.41 -23.27
C SER A 199 15.99 -0.27 -23.16
N PHE A 200 15.48 0.37 -22.11
CA PHE A 200 14.05 0.55 -21.92
C PHE A 200 13.79 2.03 -21.64
N THR A 201 13.14 2.71 -22.59
CA THR A 201 12.83 4.12 -22.44
C THR A 201 11.39 4.34 -22.89
N SER A 202 10.86 5.53 -22.59
CA SER A 202 9.54 5.94 -23.05
C SER A 202 9.26 5.56 -24.51
N GLU A 203 10.23 5.86 -25.39
CA GLU A 203 10.07 5.67 -26.82
C GLU A 203 10.29 4.23 -27.28
N SER A 204 10.73 3.33 -26.39
CA SER A 204 11.16 1.98 -26.79
C SER A 204 10.36 0.84 -26.12
N GLN A 207 13.34 -5.37 -24.73
CA GLN A 207 12.43 -6.49 -24.94
C GLN A 207 11.37 -6.59 -23.84
N PRO A 208 10.21 -7.20 -24.16
CA PRO A 208 9.25 -7.55 -23.09
C PRO A 208 9.78 -8.60 -22.13
N LYS A 209 10.92 -9.24 -22.43
CA LYS A 209 11.49 -10.21 -21.52
C LYS A 209 12.31 -9.59 -20.39
N LEU A 210 12.39 -8.26 -20.33
CA LEU A 210 13.23 -7.63 -19.31
C LEU A 210 12.71 -7.92 -17.92
N LEU A 211 11.40 -7.77 -17.70
CA LEU A 211 10.90 -8.09 -16.37
C LEU A 211 10.83 -9.59 -16.18
N HIS A 212 10.33 -10.32 -17.19
CA HIS A 212 10.19 -11.76 -17.07
C HIS A 212 11.52 -12.43 -16.72
N GLN A 213 12.62 -11.92 -17.23
CA GLN A 213 13.90 -12.57 -16.94
C GLN A 213 14.27 -12.43 -15.47
N VAL A 214 13.98 -11.28 -14.86
CA VAL A 214 14.29 -11.08 -13.46
C VAL A 214 13.42 -11.97 -12.58
N VAL A 215 12.12 -12.11 -12.90
CA VAL A 215 11.25 -13.01 -12.17
C VAL A 215 11.76 -14.44 -12.27
N GLU A 216 12.18 -14.84 -13.48
CA GLU A 216 12.64 -16.20 -13.72
C GLU A 216 13.87 -16.56 -12.88
N GLN A 217 14.83 -15.63 -12.78
CA GLN A 217 16.01 -15.89 -11.96
C GLN A 217 15.64 -15.99 -10.47
N LEU A 218 14.71 -15.16 -10.00
CA LEU A 218 14.34 -15.23 -8.60
C LEU A 218 13.51 -16.46 -8.31
N GLN A 219 12.80 -16.95 -9.31
CA GLN A 219 12.08 -18.20 -9.13
C GLN A 219 13.04 -19.37 -9.13
N LYS A 220 14.15 -19.25 -9.85
CA LYS A 220 15.02 -20.41 -10.01
C LYS A 220 15.94 -20.59 -8.81
N VAL A 221 16.30 -19.50 -8.10
CA VAL A 221 17.02 -19.63 -6.84
C VAL A 221 16.05 -19.75 -5.68
N HIS A 222 14.78 -20.03 -5.99
CA HIS A 222 13.77 -20.38 -5.00
C HIS A 222 13.49 -19.24 -4.04
N PHE A 223 13.68 -18.01 -4.50
CA PHE A 223 13.26 -16.86 -3.73
C PHE A 223 11.78 -16.60 -3.93
N ILE A 224 11.30 -16.65 -5.17
CA ILE A 224 9.89 -16.39 -5.47
C ILE A 224 9.16 -17.73 -5.55
N THR A 225 8.07 -17.84 -4.79
CA THR A 225 7.42 -19.11 -4.56
C THR A 225 6.04 -19.21 -5.17
N ASP A 226 5.41 -18.09 -5.55
CA ASP A 226 4.09 -18.07 -6.14
C ASP A 226 3.92 -16.77 -6.91
N THR A 227 3.02 -16.76 -7.88
CA THR A 227 2.80 -15.58 -8.72
C THR A 227 1.34 -15.18 -8.61
N LEU A 228 1.09 -13.95 -8.15
CA LEU A 228 -0.27 -13.42 -8.11
C LEU A 228 -0.68 -12.84 -9.45
N SER A 229 0.19 -12.05 -10.06
CA SER A 229 -0.06 -11.51 -11.38
C SER A 229 1.27 -11.12 -12.01
N LYS A 230 1.31 -11.12 -13.34
CA LYS A 230 2.55 -10.87 -14.06
C LYS A 230 2.24 -10.36 -15.45
N GLY A 231 2.95 -9.32 -15.86
CA GLY A 231 2.80 -8.76 -17.17
C GLY A 231 4.12 -8.13 -17.54
N GLU A 232 4.11 -7.20 -18.49
CA GLU A 232 5.40 -6.73 -18.99
C GLU A 232 5.98 -5.59 -18.16
N THR A 233 5.20 -4.95 -17.29
CA THR A 233 5.79 -3.95 -16.43
C THR A 233 5.53 -4.15 -14.94
N LYS A 234 4.57 -4.98 -14.54
CA LYS A 234 4.25 -5.10 -13.12
C LYS A 234 4.18 -6.58 -12.72
N PHE A 235 4.89 -6.94 -11.67
CA PHE A 235 4.84 -8.27 -11.10
C PHE A 235 4.29 -8.17 -9.69
N MET A 236 3.35 -9.07 -9.34
CA MET A 236 2.89 -9.24 -7.96
C MET A 236 3.05 -10.69 -7.57
N GLY A 237 3.82 -10.96 -6.52
CA GLY A 237 4.08 -12.32 -6.14
C GLY A 237 4.41 -12.54 -4.68
N VAL A 238 5.00 -13.70 -4.41
CA VAL A 238 5.28 -14.17 -3.06
C VAL A 238 6.72 -14.65 -2.97
N CYS A 239 7.41 -14.33 -1.88
CA CYS A 239 8.78 -14.76 -1.74
C CYS A 239 9.06 -15.16 -0.29
N GLN A 240 10.19 -15.85 -0.08
CA GLN A 240 10.55 -16.40 1.21
C GLN A 240 12.06 -16.58 1.31
N LEU A 241 12.62 -16.23 2.47
CA LEU A 241 14.05 -16.39 2.69
C LEU A 241 14.38 -17.86 2.92
N PRO A 242 15.53 -18.34 2.42
CA PRO A 242 15.89 -19.74 2.66
C PRO A 242 15.97 -20.00 4.15
N SER A 243 15.59 -21.22 4.53
CA SER A 243 15.45 -21.52 5.94
C SER A 243 16.82 -21.73 6.58
N LYS A 244 16.99 -21.20 7.78
CA LYS A 244 18.30 -21.09 8.45
C LYS A 244 18.70 -22.43 9.08
N ASN A 245 18.85 -23.44 8.22
CA ASN A 245 19.27 -24.81 8.58
C ASN A 245 18.19 -25.39 9.49
N ASP A 246 18.55 -26.04 10.61
CA ASP A 246 17.53 -26.70 11.42
C ASP A 246 16.48 -25.72 11.92
N GLU A 247 16.81 -24.43 12.00
CA GLU A 247 15.91 -23.40 12.51
C GLU A 247 14.63 -23.33 11.68
N LYS A 248 13.68 -22.52 12.19
CA LYS A 248 12.31 -22.43 11.70
C LYS A 248 12.21 -21.92 10.26
N GLU A 249 10.99 -21.90 9.71
CA GLU A 249 10.72 -21.30 8.41
C GLU A 249 10.26 -19.84 8.54
N TYR A 250 10.81 -19.01 7.68
CA TYR A 250 10.32 -17.66 7.57
C TYR A 250 8.90 -17.64 7.01
N PRO A 251 8.18 -16.55 7.21
CA PRO A 251 6.91 -16.41 6.52
C PRO A 251 7.14 -16.13 5.04
N HIS A 252 6.17 -16.52 4.22
CA HIS A 252 6.08 -16.04 2.86
C HIS A 252 5.64 -14.58 2.84
N ARG A 253 6.28 -13.77 1.97
CA ARG A 253 6.14 -12.33 1.99
C ARG A 253 5.59 -11.84 0.64
N ARG A 254 4.91 -10.71 0.68
CA ARG A 254 4.44 -10.10 -0.55
C ARG A 254 5.57 -9.32 -1.20
N ILE A 255 5.78 -9.54 -2.49
CA ILE A 255 6.81 -8.80 -3.20
C ILE A 255 6.23 -8.36 -4.54
N ASP A 256 6.48 -7.10 -4.88
CA ASP A 256 6.15 -6.55 -6.18
C ASP A 256 7.43 -6.08 -6.85
N ILE A 257 7.54 -6.38 -8.14
CA ILE A 257 8.63 -5.90 -8.97
C ILE A 257 7.99 -5.19 -10.13
N ARG A 258 8.39 -3.97 -10.39
CA ARG A 258 7.88 -3.33 -11.60
C ARG A 258 9.00 -2.65 -12.39
N LEU A 259 8.83 -2.72 -13.72
CA LEU A 259 9.80 -2.25 -14.70
C LEU A 259 9.39 -0.87 -15.22
N ILE A 260 10.29 0.09 -15.12
CA ILE A 260 9.98 1.47 -15.45
C ILE A 260 11.00 1.95 -16.48
N PRO A 261 10.61 2.79 -17.45
CA PRO A 261 11.59 3.31 -18.41
C PRO A 261 12.67 4.14 -17.71
N LYS A 262 13.83 4.19 -18.35
CA LYS A 262 14.98 4.87 -17.75
C LYS A 262 14.62 6.30 -17.38
N ASP A 263 14.01 7.02 -18.32
CA ASP A 263 13.73 8.44 -18.14
C ASP A 263 12.53 8.72 -17.24
N GLN A 264 11.80 7.69 -16.81
CA GLN A 264 10.71 7.86 -15.84
C GLN A 264 11.03 7.24 -14.50
N TYR A 265 12.28 6.77 -14.30
CA TYR A 265 12.58 5.89 -13.17
C TYR A 265 12.61 6.64 -11.85
N TYR A 266 13.20 7.84 -11.82
CA TYR A 266 13.27 8.56 -10.55
C TYR A 266 11.93 9.16 -10.13
N CYS A 267 11.10 9.58 -11.09
CA CYS A 267 9.71 9.89 -10.75
C CYS A 267 9.05 8.69 -10.11
N GLY A 268 9.35 7.49 -10.61
CA GLY A 268 8.78 6.29 -10.02
C GLY A 268 9.32 6.01 -8.63
N VAL A 269 10.63 6.20 -8.45
CA VAL A 269 11.23 5.96 -7.14
C VAL A 269 10.60 6.86 -6.09
N LEU A 270 10.55 8.17 -6.38
CA LEU A 270 9.92 9.14 -5.49
C LEU A 270 8.47 8.76 -5.18
N TYR A 271 7.68 8.50 -6.23
CA TYR A 271 6.29 8.07 -6.11
C TYR A 271 6.16 6.85 -5.21
N PHE A 272 6.90 5.78 -5.51
CA PHE A 272 6.79 4.51 -4.81
C PHE A 272 7.69 4.40 -3.59
N THR A 273 8.35 5.50 -3.22
CA THR A 273 8.92 5.61 -1.89
C THR A 273 7.90 6.10 -0.87
N GLY A 274 6.97 6.95 -1.29
CA GLY A 274 5.97 7.43 -0.35
C GLY A 274 6.57 8.28 0.75
N SER A 275 5.89 8.45 1.88
CA SER A 275 4.52 8.00 2.13
C SER A 275 3.51 8.65 1.19
N ASP A 276 2.26 8.18 1.17
CA ASP A 276 1.28 8.94 0.38
C ASP A 276 1.01 10.29 1.05
N ILE A 277 1.00 10.32 2.39
CA ILE A 277 0.87 11.57 3.15
C ILE A 277 1.91 12.59 2.70
N PHE A 278 3.14 12.14 2.47
CA PHE A 278 4.16 13.03 1.94
C PHE A 278 3.96 13.26 0.44
N ALA A 279 3.60 12.22 -0.29
CA ALA A 279 3.60 12.28 -1.75
C ALA A 279 2.62 13.33 -2.25
N LYS A 280 1.37 13.30 -1.77
CA LYS A 280 0.37 14.25 -2.21
C LYS A 280 0.65 15.66 -1.71
N ASN A 281 1.36 15.80 -0.59
CA ASN A 281 1.91 17.11 -0.22
C ASN A 281 2.78 17.67 -1.35
N MET A 282 3.73 16.86 -1.82
CA MET A 282 4.76 17.27 -2.77
C MET A 282 4.26 17.41 -4.21
N ARG A 283 3.03 17.01 -4.51
CA ARG A 283 2.51 17.31 -5.85
C ARG A 283 1.50 18.44 -5.82
N ALA A 284 1.02 18.82 -4.63
CA ALA A 284 0.22 20.01 -4.45
C ALA A 284 1.01 21.15 -3.82
N HIS A 285 2.20 20.87 -3.30
CA HIS A 285 2.97 21.90 -2.60
C HIS A 285 3.30 23.09 -3.50
N ALA A 286 3.90 23.05 -4.72
CA ALA A 286 4.43 22.02 -5.68
C ALA A 286 3.60 22.04 -6.95
N LEU A 287 2.29 22.11 -6.78
CA LEU A 287 1.45 22.64 -7.85
C LEU A 287 1.59 24.17 -7.93
N GLU A 288 1.91 24.85 -6.81
CA GLU A 288 2.05 26.30 -6.83
C GLU A 288 3.12 26.76 -7.81
N LYS A 289 4.21 26.00 -7.93
CA LYS A 289 5.32 26.43 -8.77
C LYS A 289 4.99 26.27 -10.26
N GLY A 290 3.73 25.95 -10.57
CA GLY A 290 3.35 25.57 -11.92
C GLY A 290 3.88 24.24 -12.39
N PHE A 291 3.99 23.27 -11.48
CA PHE A 291 4.41 21.93 -11.87
C PHE A 291 3.40 20.91 -11.36
N THR A 292 3.17 19.89 -12.18
CA THR A 292 2.41 18.71 -11.81
C THR A 292 3.29 17.49 -11.97
N ILE A 293 3.16 16.53 -11.05
CA ILE A 293 4.01 15.34 -11.05
C ILE A 293 3.13 14.12 -10.77
N ASN A 294 2.94 13.27 -11.79
CA ASN A 294 2.39 11.94 -11.62
C ASN A 294 3.53 10.95 -11.39
N GLU A 295 3.24 9.65 -11.42
CA GLU A 295 4.30 8.69 -11.17
C GLU A 295 5.35 8.68 -12.27
N TYR A 296 5.01 9.16 -13.47
CA TYR A 296 5.88 9.01 -14.61
C TYR A 296 6.81 10.20 -14.81
N THR A 297 6.25 11.41 -14.90
CA THR A 297 6.96 12.58 -15.42
C THR A 297 6.76 13.78 -14.49
N ILE A 298 7.50 14.85 -14.78
CA ILE A 298 7.21 16.19 -14.28
C ILE A 298 7.10 17.12 -15.48
N ARG A 299 6.09 17.99 -15.47
CA ARG A 299 5.86 18.88 -16.59
C ARG A 299 5.39 20.23 -16.08
N PRO A 300 5.64 21.29 -16.86
CA PRO A 300 5.29 22.65 -16.40
C PRO A 300 3.89 23.09 -16.79
N LEU A 301 3.14 23.61 -15.82
CA LEU A 301 1.95 24.40 -16.10
C LEU A 301 2.38 25.87 -16.10
N GLY A 302 2.14 26.61 -17.18
CA GLY A 302 1.11 26.33 -18.17
C GLY A 302 0.10 27.45 -17.96
N VAL A 303 0.13 28.47 -18.83
CA VAL A 303 -0.32 29.79 -18.39
C VAL A 303 -1.85 29.92 -18.50
N THR A 304 -2.49 29.17 -19.41
CA THR A 304 -3.90 28.82 -19.20
C THR A 304 -4.05 27.44 -18.57
N GLY A 305 -3.01 26.61 -18.60
CA GLY A 305 -3.07 25.34 -17.91
C GLY A 305 -2.53 24.17 -18.70
N VAL A 306 -2.14 24.43 -19.95
CA VAL A 306 -1.60 23.39 -20.80
C VAL A 306 -0.26 22.92 -20.22
N ALA A 307 -0.18 21.64 -19.90
CA ALA A 307 1.09 21.07 -19.48
C ALA A 307 2.03 20.94 -20.68
N GLY A 308 3.31 21.32 -20.46
CA GLY A 308 4.31 21.16 -21.49
C GLY A 308 4.83 19.76 -21.54
N GLU A 309 5.75 19.54 -22.48
CA GLU A 309 6.39 18.22 -22.57
C GLU A 309 7.15 17.91 -21.28
N PRO A 310 7.32 16.63 -20.94
CA PRO A 310 8.00 16.28 -19.69
C PRO A 310 9.45 16.72 -19.71
N LEU A 311 9.91 17.32 -18.54
CA LEU A 311 11.24 17.83 -18.27
C LEU A 311 12.17 16.70 -17.86
N PRO A 312 13.43 16.72 -18.31
CA PRO A 312 14.32 15.58 -18.07
C PRO A 312 14.56 15.38 -16.59
N VAL A 313 14.68 14.11 -16.19
CA VAL A 313 14.97 13.72 -14.82
C VAL A 313 16.05 12.64 -14.84
N ASP A 314 17.13 12.87 -14.09
CA ASP A 314 18.22 11.90 -13.97
C ASP A 314 18.54 11.55 -12.53
N SER A 315 17.78 12.03 -11.56
CA SER A 315 17.98 11.68 -10.16
C SER A 315 16.72 12.04 -9.40
N GLU A 316 16.47 11.33 -8.30
CA GLU A 316 15.40 11.74 -7.42
C GLU A 316 15.56 13.19 -7.01
N LYS A 317 16.81 13.67 -6.98
CA LYS A 317 17.08 15.03 -6.52
C LYS A 317 16.54 16.09 -7.50
N ASP A 318 16.55 15.80 -8.79
CA ASP A 318 16.17 16.79 -9.79
C ASP A 318 14.76 17.29 -9.55
N ILE A 319 13.82 16.38 -9.27
CA ILE A 319 12.43 16.77 -9.07
C ILE A 319 12.28 17.67 -7.84
N PHE A 320 13.26 17.69 -6.95
CA PHE A 320 13.25 18.68 -5.89
C PHE A 320 13.76 20.03 -6.38
N ASP A 321 14.67 20.02 -7.36
CA ASP A 321 15.22 21.27 -7.89
C ASP A 321 14.19 22.04 -8.70
N TYR A 322 13.39 21.33 -9.50
CA TYR A 322 12.34 22.00 -10.26
C TYR A 322 11.37 22.73 -9.32
N ILE A 323 11.08 22.14 -8.17
CA ILE A 323 10.13 22.70 -7.22
C ILE A 323 10.78 23.70 -6.28
N GLN A 324 12.10 23.89 -6.36
CA GLN A 324 12.83 24.75 -5.44
C GLN A 324 12.59 24.34 -4.00
N TRP A 325 12.41 23.05 -3.79
CA TRP A 325 12.22 22.46 -2.48
C TRP A 325 13.53 21.82 -2.02
N LYS A 326 13.77 21.87 -0.71
CA LYS A 326 14.93 21.19 -0.16
C LYS A 326 14.80 19.70 -0.41
N TYR A 327 15.86 19.09 -0.94
CA TYR A 327 15.82 17.64 -1.06
C TYR A 327 15.59 17.04 0.31
N ARG A 328 14.69 16.06 0.37
CA ARG A 328 14.39 15.36 1.61
C ARG A 328 14.84 13.92 1.49
N GLU A 329 15.59 13.49 2.50
CA GLU A 329 16.01 12.10 2.52
C GLU A 329 14.78 11.22 2.73
N PRO A 330 14.76 10.04 2.12
CA PRO A 330 13.64 9.10 2.34
C PRO A 330 13.28 8.94 3.82
N LYS A 331 14.28 9.09 4.70
CA LYS A 331 14.10 8.83 6.12
C LYS A 331 13.21 9.89 6.78
N ASP A 332 13.21 11.10 6.25
CA ASP A 332 12.34 12.16 6.77
C ASP A 332 11.17 12.35 5.82
N ARG A 333 10.32 11.33 5.64
CA ARG A 333 9.32 11.38 4.57
C ARG A 333 8.00 10.71 4.97
N SER A 334 7.71 10.63 6.26
CA SER A 334 6.37 10.20 6.67
C SER A 334 5.33 11.29 6.47
N GLU A 335 5.75 12.56 6.42
CA GLU A 335 4.96 13.63 5.81
C GLU A 335 5.88 14.79 5.40
P A38 B 6 -8.57 12.59 -3.69
O1P A38 B 6 -8.46 14.10 -3.83
O2P A38 B 6 -7.90 11.90 -2.50
O5' A38 B 6 -7.99 11.90 -5.01
C5' A38 B 6 -7.22 10.71 -4.93
C4' A38 B 6 -6.27 10.72 -6.10
O4' A38 B 6 -5.23 9.75 -5.98
C3' A38 B 6 -6.96 10.40 -7.41
O3' A38 B 6 -6.13 11.19 -8.27
C2' A38 B 6 -6.74 8.91 -7.60
C1' A38 B 6 -5.40 8.69 -6.92
N9 A38 B 6 -5.28 7.45 -6.12
C8 A38 B 6 -4.18 6.70 -6.03
N7 A38 B 6 -4.24 5.63 -5.23
C5 A38 B 6 -5.49 5.67 -4.75
C6 A38 B 6 -6.26 4.82 -3.82
N6 A38 B 6 -5.68 3.72 -3.27
N1 A38 B 6 -7.55 5.19 -3.54
C2 A38 B 6 -8.13 6.29 -4.08
N3 A38 B 6 -7.48 7.12 -4.94
C4 A38 B 6 -6.18 6.87 -5.31
O A38 B 6 -3.11 6.99 -6.67
NA NA E . -8.82 -8.63 0.25
NA NA F . -14.64 20.61 9.96
MG MG G . 6.26 -1.68 1.17
N1 XG4 H . -2.21 3.49 -2.38
C2 XG4 H . -1.15 3.40 -1.42
N2 XG4 H . -1.41 3.01 -0.18
N3 XG4 H . 0.12 3.70 -1.80
C4 XG4 H . 0.39 4.09 -3.06
C5 XG4 H . -0.59 4.19 -3.99
C6 XG4 H . -1.88 3.90 -3.70
O6 XG4 H . -2.78 4.00 -4.55
N7 XG4 H . -0.02 4.59 -5.12
C8 XG4 H . 1.27 4.75 -4.90
N9 XG4 H . 1.55 4.43 -3.63
PA XG4 H . 3.10 0.24 -0.29
PB XG4 H . 4.69 1.29 2.09
PG XG4 H . 4.31 -0.85 3.86
C1' XG4 H . 2.99 4.56 -3.12
O1A XG4 H . 1.52 0.25 -0.55
O1B XG4 H . 5.34 2.78 2.23
O1G XG4 H . 5.74 -1.05 4.63
C2' XG4 H . 3.07 5.15 -1.69
O2A XG4 H . 3.67 -1.13 -0.05
O2B XG4 H . 5.69 0.33 1.55
O2G XG4 H . 4.13 -1.73 2.67
C3' XG4 H . 3.65 4.03 -0.87
O3' XG4 H . 4.45 4.58 0.18
N3A XG4 H . 3.26 1.44 1.08
O3B XG4 H . 4.23 0.75 3.54
O3G XG4 H . 3.20 -1.18 5.03
C4' XG4 H . 4.54 3.33 -1.90
O4' XG4 H . 3.76 3.35 -3.11
C5' XG4 H . 4.85 1.88 -1.49
O5' XG4 H . 3.71 1.00 -1.60
#